data_1TW0
#
_entry.id   1TW0
#
_cell.length_a   54.293
_cell.length_b   63.361
_cell.length_c   72.771
_cell.angle_alpha   90.00
_cell.angle_beta   90.00
_cell.angle_gamma   90.00
#
_symmetry.space_group_name_H-M   'P 21 21 21'
#
loop_
_entity.id
_entity.type
_entity.pdbx_description
1 polymer 'pathogenesis-related class 10 protein SPE-16'
2 water water
#
_entity_poly.entity_id   1
_entity_poly.type   'polypeptide(L)'
_entity_poly.pdbx_seq_one_letter_code
;GVFVFRDETSSSVAPAKLYKALTKDSDTIAQKIDGPIQSIELVEGNGGVGTIKKITANEGDKTSFVLQKVDAIDEANLGY
DYSIVGGTGLPESLEKLSFETKVVAGSGGGSISKVTLKFHTKGDAPLSDAVRDDALAKGAGFFKAIEGYVLANPAEY
;
_entity_poly.pdbx_strand_id   A,B
#
# COMPACT_ATOMS: atom_id res chain seq x y z
N GLY A 1 -12.02 22.98 12.68
CA GLY A 1 -10.69 23.64 12.47
C GLY A 1 -9.96 22.98 11.32
N VAL A 2 -8.69 23.33 11.14
CA VAL A 2 -7.93 22.75 10.06
C VAL A 2 -6.67 22.05 10.57
N PHE A 3 -6.36 20.92 9.97
CA PHE A 3 -5.18 20.16 10.34
C PHE A 3 -4.47 19.82 9.05
N VAL A 4 -3.15 19.99 9.05
CA VAL A 4 -2.38 19.71 7.86
C VAL A 4 -1.35 18.64 8.15
N PHE A 5 -1.30 17.66 7.27
CA PHE A 5 -0.35 16.58 7.40
C PHE A 5 0.27 16.35 6.03
N ARG A 6 1.46 15.78 6.04
CA ARG A 6 2.17 15.50 4.79
C ARG A 6 2.50 14.02 4.77
N ASP A 7 2.52 13.44 3.58
CA ASP A 7 2.83 12.02 3.44
C ASP A 7 3.64 11.80 2.17
N GLU A 8 4.62 10.91 2.26
CA GLU A 8 5.47 10.58 1.11
C GLU A 8 5.53 9.09 0.89
N THR A 9 5.77 8.69 -0.35
CA THR A 9 5.86 7.28 -0.69
C THR A 9 6.82 7.16 -1.86
N SER A 10 7.85 6.33 -1.68
CA SER A 10 8.86 6.13 -2.72
C SER A 10 8.40 5.10 -3.74
N SER A 11 8.92 5.20 -4.95
CA SER A 11 8.54 4.27 -5.99
C SER A 11 9.60 4.15 -7.06
N SER A 12 9.69 2.97 -7.65
CA SER A 12 10.66 2.72 -8.70
C SER A 12 10.13 3.26 -10.03
N VAL A 13 8.87 3.65 -10.07
CA VAL A 13 8.27 4.17 -11.31
C VAL A 13 8.73 5.60 -11.61
N ALA A 14 9.13 5.83 -12.85
CA ALA A 14 9.57 7.16 -13.29
C ALA A 14 8.48 8.19 -13.01
N PRO A 15 8.87 9.38 -12.52
CA PRO A 15 7.97 10.48 -12.19
C PRO A 15 6.81 10.71 -13.18
N ALA A 16 7.14 11.13 -14.40
CA ALA A 16 6.12 11.40 -15.42
C ALA A 16 5.15 10.25 -15.62
N LYS A 17 5.66 9.03 -15.55
CA LYS A 17 4.83 7.84 -15.73
C LYS A 17 3.89 7.61 -14.54
N LEU A 18 4.44 7.68 -13.33
CA LEU A 18 3.61 7.48 -12.15
C LEU A 18 2.53 8.57 -12.13
N TYR A 19 2.94 9.81 -12.34
CA TYR A 19 2.03 10.93 -12.36
C TYR A 19 0.87 10.69 -13.33
N LYS A 20 1.19 10.24 -14.53
CA LYS A 20 0.16 9.97 -15.54
C LYS A 20 -0.80 8.92 -15.03
N ALA A 21 -0.26 7.82 -14.51
CA ALA A 21 -1.08 6.75 -14.00
C ALA A 21 -2.00 7.24 -12.89
N LEU A 22 -1.42 7.93 -11.91
CA LEU A 22 -2.16 8.44 -10.78
C LEU A 22 -3.24 9.47 -11.09
N THR A 23 -2.98 10.36 -12.03
CA THR A 23 -3.93 11.40 -12.34
C THR A 23 -4.70 11.33 -13.65
N LYS A 24 -4.24 10.52 -14.61
CA LYS A 24 -4.93 10.46 -15.90
C LYS A 24 -5.52 9.10 -16.25
N ASP A 25 -4.92 8.03 -15.74
CA ASP A 25 -5.40 6.70 -16.04
C ASP A 25 -6.17 6.02 -14.91
N SER A 26 -5.83 6.38 -13.67
CA SER A 26 -6.45 5.79 -12.48
C SER A 26 -7.97 5.66 -12.57
N ASP A 27 -8.63 6.62 -13.22
CA ASP A 27 -10.06 6.53 -13.36
C ASP A 27 -10.44 5.30 -14.17
N THR A 28 -9.80 5.13 -15.32
CA THR A 28 -10.07 4.00 -16.20
C THR A 28 -9.48 2.67 -15.78
N ILE A 29 -8.98 2.58 -14.54
CA ILE A 29 -8.37 1.34 -14.02
C ILE A 29 -9.26 0.50 -13.10
N ALA A 30 -10.34 1.09 -12.59
CA ALA A 30 -11.26 0.38 -11.70
C ALA A 30 -11.41 -1.07 -12.09
N GLN A 31 -11.75 -1.29 -13.36
CA GLN A 31 -11.95 -2.62 -13.90
C GLN A 31 -10.76 -3.57 -13.74
N LYS A 32 -9.54 -3.03 -13.84
CA LYS A 32 -8.35 -3.85 -13.73
C LYS A 32 -7.48 -3.55 -12.53
N ILE A 33 -8.06 -3.67 -11.35
CA ILE A 33 -7.33 -3.41 -10.12
C ILE A 33 -8.19 -3.85 -8.96
N ASP A 34 -7.74 -4.83 -8.20
CA ASP A 34 -8.49 -5.29 -7.06
C ASP A 34 -8.36 -4.28 -5.92
N GLY A 35 -9.50 -3.95 -5.33
CA GLY A 35 -9.53 -2.99 -4.24
C GLY A 35 -10.94 -2.66 -3.87
N PRO A 36 -11.18 -2.09 -2.67
CA PRO A 36 -12.53 -1.75 -2.24
C PRO A 36 -13.23 -0.77 -3.18
N ILE A 37 -12.45 0.04 -3.89
CA ILE A 37 -13.01 1.02 -4.84
C ILE A 37 -13.73 0.28 -5.95
N GLN A 38 -15.05 0.29 -5.91
CA GLN A 38 -15.86 -0.39 -6.91
C GLN A 38 -15.90 0.37 -8.22
N SER A 39 -16.48 1.57 -8.20
CA SER A 39 -16.58 2.37 -9.42
C SER A 39 -16.30 3.87 -9.24
N ILE A 40 -15.93 4.51 -10.34
CA ILE A 40 -15.61 5.93 -10.36
C ILE A 40 -16.49 6.59 -11.40
N GLU A 41 -17.41 7.43 -10.93
CA GLU A 41 -18.35 8.16 -11.78
C GLU A 41 -17.98 9.62 -12.00
N LEU A 42 -17.97 10.05 -13.25
CA LEU A 42 -17.71 11.44 -13.53
C LEU A 42 -19.10 12.06 -13.49
N VAL A 43 -19.48 12.62 -12.36
CA VAL A 43 -20.80 13.25 -12.22
C VAL A 43 -20.89 14.40 -13.20
N GLU A 44 -19.87 15.25 -13.16
CA GLU A 44 -19.82 16.39 -14.05
C GLU A 44 -18.34 16.62 -14.37
N GLY A 45 -18.06 17.04 -15.59
CA GLY A 45 -16.69 17.27 -16.02
C GLY A 45 -16.13 16.03 -16.70
N ASN A 46 -14.98 16.18 -17.32
CA ASN A 46 -14.34 15.07 -18.02
C ASN A 46 -13.00 14.71 -17.37
N GLY A 47 -12.65 15.44 -16.31
CA GLY A 47 -11.40 15.18 -15.63
C GLY A 47 -10.68 16.48 -15.32
N GLY A 48 -10.95 17.50 -16.13
CA GLY A 48 -10.31 18.80 -15.94
C GLY A 48 -10.72 19.47 -14.64
N VAL A 49 -10.13 20.63 -14.36
CA VAL A 49 -10.44 21.36 -13.14
C VAL A 49 -11.93 21.62 -13.06
N GLY A 50 -12.52 21.32 -11.91
CA GLY A 50 -13.96 21.54 -11.74
C GLY A 50 -14.79 20.27 -11.80
N THR A 51 -14.16 19.21 -12.29
CA THR A 51 -14.83 17.92 -12.40
C THR A 51 -15.29 17.38 -11.06
N ILE A 52 -16.47 16.79 -11.06
CA ILE A 52 -17.03 16.19 -9.85
C ILE A 52 -17.10 14.69 -10.06
N LYS A 53 -16.43 13.94 -9.19
CA LYS A 53 -16.45 12.49 -9.30
C LYS A 53 -17.13 11.87 -8.09
N LYS A 54 -17.88 10.81 -8.33
CA LYS A 54 -18.54 10.08 -7.26
C LYS A 54 -17.75 8.77 -7.21
N ILE A 55 -17.12 8.50 -6.08
CA ILE A 55 -16.28 7.32 -5.91
C ILE A 55 -16.92 6.32 -4.96
N THR A 56 -17.37 5.19 -5.50
CA THR A 56 -18.01 4.18 -4.69
C THR A 56 -17.05 3.08 -4.29
N ALA A 57 -17.15 2.67 -3.04
CA ALA A 57 -16.30 1.60 -2.51
C ALA A 57 -17.18 0.63 -1.73
N ASN A 58 -16.90 -0.66 -1.88
CA ASN A 58 -17.64 -1.70 -1.19
C ASN A 58 -16.75 -2.38 -0.17
N GLU A 59 -17.17 -2.38 1.09
CA GLU A 59 -16.41 -3.02 2.15
C GLU A 59 -17.16 -4.27 2.60
N GLY A 60 -17.45 -5.16 1.65
CA GLY A 60 -18.15 -6.38 1.96
C GLY A 60 -19.63 -6.29 1.66
N ASP A 61 -20.43 -6.51 2.69
CA ASP A 61 -21.88 -6.43 2.56
C ASP A 61 -22.33 -4.98 2.41
N LYS A 62 -21.48 -4.04 2.82
CA LYS A 62 -21.80 -2.63 2.76
C LYS A 62 -21.10 -1.86 1.66
N THR A 63 -21.50 -0.59 1.50
CA THR A 63 -20.92 0.28 0.49
C THR A 63 -21.04 1.75 0.95
N SER A 64 -20.27 2.62 0.29
CA SER A 64 -20.28 4.06 0.59
C SER A 64 -19.63 4.82 -0.56
N PHE A 65 -19.66 6.14 -0.50
CA PHE A 65 -19.04 6.90 -1.57
C PHE A 65 -18.59 8.27 -1.08
N VAL A 66 -17.73 8.89 -1.87
CA VAL A 66 -17.24 10.23 -1.56
C VAL A 66 -17.38 11.00 -2.86
N LEU A 67 -17.65 12.30 -2.74
CA LEU A 67 -17.79 13.17 -3.90
C LEU A 67 -16.51 13.97 -3.97
N GLN A 68 -15.78 13.79 -5.07
CA GLN A 68 -14.49 14.44 -5.28
C GLN A 68 -14.58 15.65 -6.21
N LYS A 69 -13.66 16.59 -6.00
CA LYS A 69 -13.60 17.81 -6.79
C LYS A 69 -12.16 18.02 -7.25
N VAL A 70 -11.95 18.15 -8.56
CA VAL A 70 -10.60 18.39 -9.07
C VAL A 70 -10.36 19.88 -8.87
N ASP A 71 -9.43 20.21 -7.98
CA ASP A 71 -9.15 21.60 -7.67
C ASP A 71 -8.12 22.29 -8.55
N ALA A 72 -7.03 21.62 -8.87
CA ALA A 72 -6.00 22.24 -9.71
C ALA A 72 -5.12 21.18 -10.37
N ILE A 73 -4.61 21.50 -11.56
CA ILE A 73 -3.74 20.59 -12.30
C ILE A 73 -2.57 21.31 -12.92
N ASP A 74 -1.37 20.75 -12.75
CA ASP A 74 -0.15 21.31 -13.33
C ASP A 74 0.70 20.16 -13.85
N GLU A 75 0.39 19.70 -15.06
CA GLU A 75 1.09 18.59 -15.68
C GLU A 75 2.59 18.78 -15.73
N ALA A 76 3.02 19.93 -16.23
CA ALA A 76 4.44 20.25 -16.35
C ALA A 76 5.22 19.96 -15.09
N ASN A 77 4.67 20.42 -13.96
CA ASN A 77 5.31 20.21 -12.67
C ASN A 77 4.81 18.95 -11.96
N LEU A 78 4.08 18.11 -12.70
CA LEU A 78 3.52 16.87 -12.18
C LEU A 78 2.70 17.13 -10.91
N GLY A 79 1.87 18.17 -10.96
CA GLY A 79 1.04 18.51 -9.82
C GLY A 79 -0.44 18.22 -10.03
N TYR A 80 -1.11 17.79 -8.97
CA TYR A 80 -2.53 17.46 -9.03
C TYR A 80 -3.23 17.69 -7.69
N ASP A 81 -4.22 18.57 -7.68
CA ASP A 81 -4.95 18.85 -6.44
C ASP A 81 -6.44 18.61 -6.58
N TYR A 82 -7.01 17.98 -5.57
CA TYR A 82 -8.43 17.70 -5.56
C TYR A 82 -8.86 17.60 -4.10
N SER A 83 -10.15 17.51 -3.88
CA SER A 83 -10.64 17.38 -2.53
C SER A 83 -11.98 16.67 -2.44
N ILE A 84 -12.22 16.05 -1.30
CA ILE A 84 -13.44 15.32 -1.02
C ILE A 84 -14.34 16.33 -0.31
N VAL A 85 -15.47 16.67 -0.92
CA VAL A 85 -16.39 17.66 -0.35
C VAL A 85 -17.64 17.11 0.30
N GLY A 86 -17.79 15.78 0.30
CA GLY A 86 -18.96 15.18 0.89
C GLY A 86 -19.06 13.70 0.58
N GLY A 87 -20.23 13.11 0.80
CA GLY A 87 -20.41 11.69 0.51
C GLY A 87 -20.50 10.80 1.74
N THR A 88 -21.31 9.75 1.66
CA THR A 88 -21.47 8.84 2.79
C THR A 88 -20.13 8.30 3.32
N GLY A 89 -19.10 8.34 2.49
CA GLY A 89 -17.79 7.83 2.89
C GLY A 89 -16.94 8.82 3.66
N LEU A 90 -17.37 10.08 3.73
CA LEU A 90 -16.64 11.10 4.46
C LEU A 90 -17.09 11.09 5.92
N PRO A 91 -16.18 10.79 6.85
CA PRO A 91 -16.56 10.76 8.26
C PRO A 91 -17.36 11.97 8.68
N GLU A 92 -18.37 11.72 9.52
CA GLU A 92 -19.24 12.78 10.03
C GLU A 92 -18.48 13.94 10.66
N SER A 93 -17.31 13.64 11.23
CA SER A 93 -16.49 14.65 11.88
C SER A 93 -15.80 15.62 10.93
N LEU A 94 -15.77 15.30 9.64
CA LEU A 94 -15.13 16.16 8.67
C LEU A 94 -16.09 16.89 7.74
N GLU A 95 -15.73 18.12 7.41
CA GLU A 95 -16.50 18.95 6.50
C GLU A 95 -15.88 18.76 5.12
N LYS A 96 -14.55 18.59 5.08
CA LYS A 96 -13.84 18.43 3.81
C LYS A 96 -12.41 17.93 4.02
N LEU A 97 -11.86 17.32 2.98
CA LEU A 97 -10.49 16.81 3.03
C LEU A 97 -9.82 17.12 1.70
N SER A 98 -8.90 18.09 1.70
CA SER A 98 -8.20 18.49 0.48
C SER A 98 -6.86 17.79 0.32
N PHE A 99 -6.51 17.52 -0.94
CA PHE A 99 -5.24 16.87 -1.24
C PHE A 99 -4.43 17.70 -2.21
N GLU A 100 -3.16 17.90 -1.86
CA GLU A 100 -2.25 18.64 -2.72
C GLU A 100 -1.17 17.62 -2.99
N THR A 101 -1.15 17.11 -4.22
CA THR A 101 -0.18 16.09 -4.61
C THR A 101 0.80 16.57 -5.65
N LYS A 102 1.96 15.93 -5.64
CA LYS A 102 3.04 16.23 -6.57
C LYS A 102 3.89 14.98 -6.63
N VAL A 103 4.52 14.74 -7.77
CA VAL A 103 5.39 13.58 -7.91
C VAL A 103 6.77 14.13 -8.25
N VAL A 104 7.77 13.79 -7.44
CA VAL A 104 9.11 14.27 -7.69
C VAL A 104 10.02 13.10 -8.02
N ALA A 105 11.13 13.39 -8.68
CA ALA A 105 12.08 12.35 -9.05
C ALA A 105 12.82 11.89 -7.80
N GLY A 106 13.07 10.59 -7.71
CA GLY A 106 13.77 10.04 -6.56
C GLY A 106 15.25 10.31 -6.65
N SER A 107 16.01 9.79 -5.70
CA SER A 107 17.45 9.98 -5.67
C SER A 107 18.16 8.87 -6.43
N GLY A 108 17.47 7.75 -6.64
CA GLY A 108 18.09 6.64 -7.33
C GLY A 108 17.29 5.89 -8.37
N GLY A 109 16.74 6.63 -9.34
CA GLY A 109 15.98 6.00 -10.40
C GLY A 109 14.45 6.11 -10.40
N GLY A 110 13.84 6.20 -9.23
CA GLY A 110 12.39 6.25 -9.21
C GLY A 110 11.79 7.62 -8.94
N SER A 111 10.74 7.62 -8.13
CA SER A 111 10.07 8.87 -7.80
C SER A 111 9.56 8.82 -6.37
N ILE A 112 8.98 9.93 -5.96
CA ILE A 112 8.41 10.06 -4.62
C ILE A 112 7.05 10.71 -4.83
N SER A 113 5.99 10.06 -4.36
CA SER A 113 4.66 10.63 -4.49
C SER A 113 4.42 11.41 -3.21
N LYS A 114 4.43 12.74 -3.32
CA LYS A 114 4.23 13.58 -2.14
C LYS A 114 2.82 14.14 -2.03
N VAL A 115 2.26 14.05 -0.83
CA VAL A 115 0.90 14.52 -0.57
C VAL A 115 0.81 15.33 0.71
N THR A 116 -0.07 16.33 0.70
CA THR A 116 -0.32 17.18 1.85
C THR A 116 -1.83 17.22 2.04
N LEU A 117 -2.32 16.61 3.12
CA LEU A 117 -3.75 16.58 3.42
C LEU A 117 -4.14 17.72 4.35
N LYS A 118 -5.23 18.40 4.03
CA LYS A 118 -5.72 19.49 4.86
C LYS A 118 -7.09 19.07 5.38
N PHE A 119 -7.14 18.56 6.61
CA PHE A 119 -8.40 18.14 7.22
C PHE A 119 -9.19 19.34 7.74
N HIS A 120 -10.48 19.39 7.44
CA HIS A 120 -11.35 20.44 7.94
C HIS A 120 -12.42 19.76 8.76
N THR A 121 -12.32 19.88 10.08
CA THR A 121 -13.30 19.30 10.99
C THR A 121 -14.43 20.32 11.15
N LYS A 122 -15.53 19.89 11.77
CA LYS A 122 -16.68 20.77 11.96
C LYS A 122 -16.53 21.70 13.16
N GLY A 123 -16.35 23.00 12.89
CA GLY A 123 -16.22 23.97 13.95
C GLY A 123 -14.97 23.83 14.80
N ASP A 124 -15.16 23.67 16.11
CA ASP A 124 -14.04 23.51 17.03
C ASP A 124 -13.80 22.04 17.29
N ALA A 125 -14.46 21.20 16.48
CA ALA A 125 -14.31 19.76 16.61
C ALA A 125 -12.86 19.33 16.43
N PRO A 126 -12.33 18.56 17.39
CA PRO A 126 -10.94 18.11 17.30
C PRO A 126 -10.85 17.01 16.22
N LEU A 127 -9.64 16.71 15.78
CA LEU A 127 -9.43 15.67 14.77
C LEU A 127 -8.96 14.36 15.36
N SER A 128 -9.84 13.36 15.32
CA SER A 128 -9.53 12.04 15.82
C SER A 128 -8.31 11.44 15.13
N ASP A 129 -7.50 10.70 15.88
CA ASP A 129 -6.33 10.07 15.30
C ASP A 129 -6.81 8.98 14.36
N ALA A 130 -7.92 8.34 14.72
CA ALA A 130 -8.50 7.29 13.90
C ALA A 130 -8.92 7.88 12.56
N VAL A 131 -9.72 8.93 12.60
CA VAL A 131 -10.19 9.59 11.40
C VAL A 131 -9.02 10.00 10.51
N ARG A 132 -8.01 10.61 11.11
CA ARG A 132 -6.84 11.05 10.38
C ARG A 132 -6.17 9.87 9.69
N ASP A 133 -5.91 8.81 10.45
CA ASP A 133 -5.26 7.61 9.93
C ASP A 133 -6.10 6.83 8.92
N ASP A 134 -7.40 6.75 9.14
CA ASP A 134 -8.24 6.03 8.19
C ASP A 134 -8.09 6.73 6.84
N ALA A 135 -7.87 8.03 6.89
CA ALA A 135 -7.69 8.82 5.67
C ALA A 135 -6.37 8.53 4.97
N LEU A 136 -5.27 8.57 5.73
CA LEU A 136 -3.95 8.32 5.16
C LEU A 136 -3.84 6.89 4.62
N ALA A 137 -4.42 5.94 5.34
CA ALA A 137 -4.37 4.55 4.92
C ALA A 137 -5.14 4.30 3.63
N LYS A 138 -6.24 5.00 3.41
CA LYS A 138 -7.02 4.82 2.20
C LYS A 138 -6.29 5.36 0.97
N GLY A 139 -5.69 6.53 1.12
CA GLY A 139 -4.95 7.11 0.01
C GLY A 139 -3.83 6.18 -0.39
N ALA A 140 -3.16 5.62 0.61
CA ALA A 140 -2.06 4.69 0.41
C ALA A 140 -2.49 3.43 -0.34
N GLY A 141 -3.66 2.91 0.03
CA GLY A 141 -4.15 1.73 -0.64
C GLY A 141 -4.30 2.06 -2.11
N PHE A 142 -4.98 3.18 -2.37
CA PHE A 142 -5.19 3.64 -3.73
C PHE A 142 -3.86 3.69 -4.47
N PHE A 143 -2.91 4.44 -3.92
CA PHE A 143 -1.60 4.59 -4.54
C PHE A 143 -0.99 3.25 -4.91
N LYS A 144 -0.82 2.40 -3.90
CA LYS A 144 -0.22 1.09 -4.14
C LYS A 144 -0.92 0.36 -5.29
N ALA A 145 -2.23 0.52 -5.35
CA ALA A 145 -3.02 -0.11 -6.41
C ALA A 145 -2.62 0.43 -7.78
N ILE A 146 -2.46 1.75 -7.90
CA ILE A 146 -2.09 2.33 -9.19
C ILE A 146 -0.67 1.92 -9.59
N GLU A 147 0.26 1.99 -8.64
CA GLU A 147 1.64 1.61 -8.90
C GLU A 147 1.67 0.16 -9.38
N GLY A 148 1.02 -0.71 -8.61
CA GLY A 148 0.97 -2.11 -8.96
C GLY A 148 0.64 -2.30 -10.43
N TYR A 149 -0.35 -1.57 -10.92
CA TYR A 149 -0.73 -1.69 -12.32
C TYR A 149 0.40 -1.22 -13.22
N VAL A 150 0.97 -0.06 -12.91
CA VAL A 150 2.08 0.46 -13.70
C VAL A 150 3.22 -0.56 -13.78
N LEU A 151 3.61 -1.10 -12.63
CA LEU A 151 4.70 -2.08 -12.57
C LEU A 151 4.44 -3.36 -13.34
N ALA A 152 3.16 -3.75 -13.46
CA ALA A 152 2.79 -4.97 -14.16
C ALA A 152 2.52 -4.74 -15.65
N ASN A 153 2.44 -3.48 -16.05
CA ASN A 153 2.16 -3.14 -17.44
C ASN A 153 3.13 -2.16 -18.08
N PRO A 154 4.42 -2.52 -18.12
CA PRO A 154 5.46 -1.66 -18.71
C PRO A 154 5.13 -1.33 -20.16
N ALA A 155 4.50 -2.29 -20.84
CA ALA A 155 4.12 -2.12 -22.24
C ALA A 155 3.33 -0.84 -22.41
N GLU A 156 2.54 -0.50 -21.39
CA GLU A 156 1.71 0.69 -21.43
C GLU A 156 2.42 1.94 -20.90
N TYR A 157 3.51 1.75 -20.16
CA TYR A 157 4.25 2.89 -19.62
C TYR A 157 5.74 2.79 -19.91
N GLY B 1 27.36 -7.46 6.61
CA GLY B 1 26.84 -6.53 7.65
C GLY B 1 25.34 -6.64 7.83
N VAL B 2 24.78 -5.81 8.68
CA VAL B 2 23.34 -5.84 8.93
C VAL B 2 22.78 -4.44 9.06
N PHE B 3 21.69 -4.18 8.35
CA PHE B 3 21.07 -2.88 8.41
C PHE B 3 19.64 -3.05 8.90
N VAL B 4 19.24 -2.20 9.83
CA VAL B 4 17.90 -2.32 10.37
C VAL B 4 17.01 -1.10 10.13
N PHE B 5 15.76 -1.37 9.80
CA PHE B 5 14.76 -0.33 9.60
C PHE B 5 13.46 -0.83 10.22
N ARG B 6 12.86 0.03 11.04
CA ARG B 6 11.61 -0.29 11.70
C ARG B 6 10.55 0.61 11.13
N ASP B 7 9.31 0.15 11.16
CA ASP B 7 8.22 0.95 10.64
C ASP B 7 6.93 0.52 11.29
N GLU B 8 5.96 1.42 11.28
CA GLU B 8 4.66 1.14 11.88
C GLU B 8 3.56 1.64 10.96
N THR B 9 2.63 0.75 10.62
CA THR B 9 1.53 1.11 9.76
C THR B 9 0.22 0.87 10.48
N SER B 10 -0.58 1.92 10.59
CA SER B 10 -1.87 1.87 11.26
C SER B 10 -2.95 1.36 10.31
N SER B 11 -3.87 0.58 10.84
CA SER B 11 -4.97 0.04 10.04
C SER B 11 -6.27 0.01 10.85
N SER B 12 -7.38 -0.02 10.14
CA SER B 12 -8.69 -0.08 10.78
C SER B 12 -9.06 -1.53 11.08
N VAL B 13 -8.41 -2.46 10.40
CA VAL B 13 -8.68 -3.87 10.62
C VAL B 13 -8.25 -4.27 12.03
N ALA B 14 -9.08 -5.07 12.70
CA ALA B 14 -8.76 -5.53 14.04
C ALA B 14 -7.52 -6.42 13.97
N PRO B 15 -6.64 -6.32 14.97
CA PRO B 15 -5.40 -7.10 15.06
C PRO B 15 -5.45 -8.59 14.68
N ALA B 16 -6.30 -9.37 15.36
CA ALA B 16 -6.39 -10.78 15.07
C ALA B 16 -6.74 -11.05 13.61
N LYS B 17 -7.64 -10.23 13.04
CA LYS B 17 -8.02 -10.41 11.65
C LYS B 17 -6.82 -10.16 10.75
N LEU B 18 -6.14 -9.04 10.98
CA LEU B 18 -4.96 -8.68 10.20
C LEU B 18 -3.88 -9.76 10.33
N TYR B 19 -3.58 -10.14 11.57
CA TYR B 19 -2.57 -11.16 11.83
C TYR B 19 -2.82 -12.42 11.00
N LYS B 20 -4.08 -12.84 10.99
CA LYS B 20 -4.46 -14.05 10.27
C LYS B 20 -4.30 -13.96 8.77
N ALA B 21 -4.69 -12.83 8.19
CA ALA B 21 -4.61 -12.63 6.76
C ALA B 21 -3.17 -12.51 6.29
N LEU B 22 -2.34 -11.83 7.09
CA LEU B 22 -0.94 -11.61 6.75
C LEU B 22 -0.05 -12.85 6.94
N THR B 23 -0.30 -13.62 7.99
CA THR B 23 0.54 -14.77 8.28
C THR B 23 -0.06 -16.14 7.95
N LYS B 24 -1.36 -16.21 7.80
CA LYS B 24 -1.99 -17.49 7.51
C LYS B 24 -2.62 -17.61 6.12
N ASP B 25 -3.27 -16.54 5.67
CA ASP B 25 -3.96 -16.57 4.38
C ASP B 25 -3.24 -15.87 3.22
N SER B 26 -2.07 -15.30 3.49
CA SER B 26 -1.35 -14.55 2.46
C SER B 26 -0.96 -15.29 1.19
N ASP B 27 -0.59 -16.57 1.31
CA ASP B 27 -0.21 -17.34 0.13
C ASP B 27 -1.40 -17.48 -0.80
N THR B 28 -2.54 -17.87 -0.23
CA THR B 28 -3.78 -18.03 -0.98
C THR B 28 -4.18 -16.68 -1.57
N ILE B 29 -4.21 -15.66 -0.71
CA ILE B 29 -4.58 -14.30 -1.14
C ILE B 29 -3.64 -13.80 -2.25
N ALA B 30 -2.34 -13.85 -1.99
CA ALA B 30 -1.34 -13.39 -2.95
C ALA B 30 -1.57 -13.89 -4.36
N GLN B 31 -1.85 -15.18 -4.49
CA GLN B 31 -2.08 -15.79 -5.80
C GLN B 31 -3.46 -15.52 -6.39
N LYS B 32 -4.41 -15.06 -5.56
CA LYS B 32 -5.77 -14.78 -6.03
C LYS B 32 -5.95 -13.40 -6.63
N ILE B 33 -5.69 -12.39 -5.82
CA ILE B 33 -5.82 -11.01 -6.23
C ILE B 33 -4.93 -10.71 -7.44
N ASP B 34 -5.17 -9.56 -8.05
CA ASP B 34 -4.37 -9.12 -9.19
C ASP B 34 -3.04 -8.70 -8.58
N GLY B 35 -2.02 -9.56 -8.71
CA GLY B 35 -0.73 -9.23 -8.14
C GLY B 35 0.45 -9.91 -8.81
N PRO B 36 1.67 -9.39 -8.58
CA PRO B 36 2.94 -9.88 -9.12
C PRO B 36 3.24 -11.34 -8.80
N ILE B 37 2.81 -11.82 -7.65
CA ILE B 37 3.05 -13.20 -7.29
C ILE B 37 2.29 -14.13 -8.22
N GLN B 38 3.01 -14.98 -8.93
CA GLN B 38 2.39 -15.92 -9.87
C GLN B 38 2.08 -17.24 -9.20
N SER B 39 2.98 -17.73 -8.37
CA SER B 39 2.73 -18.98 -7.70
C SER B 39 3.59 -19.11 -6.47
N ILE B 40 3.13 -19.95 -5.55
CA ILE B 40 3.84 -20.20 -4.32
C ILE B 40 3.91 -21.70 -4.13
N GLU B 41 5.13 -22.23 -4.05
CA GLU B 41 5.33 -23.66 -3.87
C GLU B 41 5.97 -23.93 -2.52
N LEU B 42 5.50 -24.96 -1.84
CA LEU B 42 6.09 -25.32 -0.56
C LEU B 42 7.22 -26.30 -0.86
N VAL B 43 8.43 -25.96 -0.45
CA VAL B 43 9.58 -26.82 -0.69
C VAL B 43 9.81 -27.65 0.57
N GLU B 44 9.43 -27.08 1.70
CA GLU B 44 9.54 -27.73 3.00
C GLU B 44 8.48 -27.21 3.97
N GLY B 45 7.92 -28.12 4.76
CA GLY B 45 6.90 -27.76 5.73
C GLY B 45 5.60 -27.31 5.12
N ASN B 46 4.62 -27.00 5.98
CA ASN B 46 3.32 -26.57 5.52
C ASN B 46 2.93 -25.25 6.17
N GLY B 47 3.90 -24.59 6.79
CA GLY B 47 3.63 -23.31 7.43
C GLY B 47 4.37 -23.12 8.73
N GLY B 48 4.80 -24.22 9.35
CA GLY B 48 5.52 -24.13 10.60
C GLY B 48 6.92 -23.55 10.45
N VAL B 49 7.57 -23.24 11.56
CA VAL B 49 8.91 -22.68 11.50
C VAL B 49 9.79 -23.67 10.75
N GLY B 50 10.61 -23.16 9.85
CA GLY B 50 11.48 -24.03 9.06
C GLY B 50 10.88 -24.21 7.69
N THR B 51 9.61 -23.85 7.56
CA THR B 51 8.93 -23.94 6.28
C THR B 51 9.69 -23.07 5.29
N ILE B 52 9.72 -23.50 4.04
CA ILE B 52 10.39 -22.73 3.01
C ILE B 52 9.47 -22.74 1.82
N LYS B 53 9.32 -21.60 1.17
CA LYS B 53 8.45 -21.49 0.03
C LYS B 53 9.19 -20.93 -1.17
N LYS B 54 8.91 -21.48 -2.34
CA LYS B 54 9.50 -20.97 -3.57
C LYS B 54 8.42 -20.04 -4.09
N ILE B 55 8.64 -18.74 -3.93
CA ILE B 55 7.66 -17.77 -4.40
C ILE B 55 8.14 -17.22 -5.72
N THR B 56 7.29 -17.33 -6.73
CA THR B 56 7.64 -16.83 -8.05
C THR B 56 6.79 -15.62 -8.40
N ALA B 57 7.44 -14.51 -8.68
CA ALA B 57 6.75 -13.28 -9.02
C ALA B 57 7.14 -12.77 -10.39
N ASN B 58 6.38 -11.77 -10.85
CA ASN B 58 6.61 -11.18 -12.16
C ASN B 58 6.38 -9.67 -12.09
N GLU B 59 7.41 -8.91 -12.45
CA GLU B 59 7.34 -7.45 -12.44
C GLU B 59 7.77 -6.90 -13.81
N GLY B 60 6.79 -6.73 -14.69
CA GLY B 60 7.05 -6.23 -16.02
C GLY B 60 6.93 -7.36 -17.05
N ASP B 61 8.05 -8.00 -17.32
CA ASP B 61 8.10 -9.12 -18.25
C ASP B 61 9.10 -10.10 -17.66
N LYS B 62 9.92 -9.58 -16.74
CA LYS B 62 10.93 -10.38 -16.07
C LYS B 62 10.32 -11.22 -14.95
N THR B 63 10.66 -12.49 -14.94
CA THR B 63 10.17 -13.40 -13.93
C THR B 63 11.31 -13.62 -12.97
N SER B 64 11.00 -13.86 -11.70
CA SER B 64 12.03 -14.11 -10.70
C SER B 64 11.38 -14.88 -9.55
N PHE B 65 12.20 -15.35 -8.63
CA PHE B 65 11.67 -16.09 -7.51
C PHE B 65 12.55 -15.87 -6.29
N VAL B 66 12.00 -16.13 -5.12
CA VAL B 66 12.73 -16.04 -3.88
C VAL B 66 12.36 -17.21 -3.01
N LEU B 67 13.30 -17.65 -2.19
CA LEU B 67 13.03 -18.72 -1.24
C LEU B 67 12.71 -18.00 0.05
N GLN B 68 11.51 -18.20 0.58
CA GLN B 68 11.13 -17.56 1.82
C GLN B 68 11.19 -18.60 2.92
N LYS B 69 11.68 -18.20 4.09
CA LYS B 69 11.79 -19.13 5.21
C LYS B 69 11.09 -18.57 6.44
N VAL B 70 10.33 -19.42 7.12
CA VAL B 70 9.62 -19.01 8.33
C VAL B 70 10.58 -19.12 9.49
N ASP B 71 10.89 -18.00 10.13
CA ASP B 71 11.85 -18.00 11.24
C ASP B 71 11.26 -18.18 12.63
N ALA B 72 10.11 -17.56 12.88
CA ALA B 72 9.49 -17.67 14.19
C ALA B 72 8.02 -17.25 14.17
N ILE B 73 7.23 -17.88 15.02
CA ILE B 73 5.82 -17.54 15.12
C ILE B 73 5.43 -17.49 16.59
N ASP B 74 4.79 -16.40 16.98
CA ASP B 74 4.34 -16.20 18.34
C ASP B 74 2.93 -15.63 18.27
N GLU B 75 1.94 -16.51 18.11
CA GLU B 75 0.55 -16.09 18.01
C GLU B 75 0.06 -15.46 19.30
N ALA B 76 0.60 -15.93 20.42
CA ALA B 76 0.22 -15.39 21.72
C ALA B 76 0.35 -13.87 21.68
N ASN B 77 1.29 -13.38 20.89
CA ASN B 77 1.50 -11.94 20.77
C ASN B 77 1.40 -11.40 19.32
N LEU B 78 0.76 -12.17 18.45
CA LEU B 78 0.59 -11.79 17.05
C LEU B 78 1.93 -11.42 16.40
N GLY B 79 2.93 -12.24 16.66
CA GLY B 79 4.25 -12.02 16.08
C GLY B 79 4.55 -13.06 15.02
N TYR B 80 5.20 -12.63 13.95
CA TYR B 80 5.54 -13.51 12.84
C TYR B 80 6.86 -13.02 12.23
N ASP B 81 7.82 -13.93 12.10
CA ASP B 81 9.12 -13.59 11.54
C ASP B 81 9.53 -14.52 10.42
N TYR B 82 9.93 -13.95 9.29
CA TYR B 82 10.37 -14.75 8.17
C TYR B 82 11.49 -14.02 7.46
N SER B 83 12.12 -14.69 6.52
CA SER B 83 13.19 -14.04 5.79
C SER B 83 13.34 -14.66 4.42
N ILE B 84 13.85 -13.86 3.51
CA ILE B 84 14.11 -14.27 2.14
C ILE B 84 15.56 -14.70 2.22
N VAL B 85 15.81 -15.98 1.99
CA VAL B 85 17.16 -16.52 2.09
C VAL B 85 17.87 -16.86 0.80
N GLY B 86 17.20 -16.65 -0.32
CA GLY B 86 17.83 -16.95 -1.59
C GLY B 86 16.91 -16.67 -2.75
N GLY B 87 17.40 -16.95 -3.97
CA GLY B 87 16.59 -16.74 -5.15
C GLY B 87 17.01 -15.55 -6.00
N THR B 88 16.66 -15.59 -7.28
CA THR B 88 17.00 -14.52 -8.19
C THR B 88 16.24 -13.25 -7.84
N GLY B 89 15.15 -13.40 -7.10
CA GLY B 89 14.36 -12.25 -6.70
C GLY B 89 14.98 -11.44 -5.58
N LEU B 90 16.09 -11.93 -5.04
CA LEU B 90 16.79 -11.25 -3.97
C LEU B 90 17.93 -10.47 -4.61
N PRO B 91 18.02 -9.16 -4.33
CA PRO B 91 19.07 -8.31 -4.90
C PRO B 91 20.46 -8.91 -4.72
N GLU B 92 21.27 -8.87 -5.77
CA GLU B 92 22.62 -9.43 -5.72
C GLU B 92 23.51 -8.91 -4.60
N SER B 93 23.22 -7.72 -4.09
CA SER B 93 24.01 -7.16 -3.01
C SER B 93 23.65 -7.76 -1.63
N LEU B 94 22.48 -8.38 -1.56
CA LEU B 94 22.02 -8.96 -0.30
C LEU B 94 22.29 -10.46 -0.17
N GLU B 95 22.62 -10.87 1.05
CA GLU B 95 22.86 -12.28 1.34
C GLU B 95 21.54 -12.87 1.86
N LYS B 96 20.80 -12.04 2.59
CA LYS B 96 19.51 -12.42 3.16
C LYS B 96 18.74 -11.19 3.63
N LEU B 97 17.41 -11.24 3.53
CA LEU B 97 16.57 -10.15 4.01
C LEU B 97 15.54 -10.75 4.98
N SER B 98 15.62 -10.35 6.25
CA SER B 98 14.71 -10.88 7.27
C SER B 98 13.64 -9.88 7.71
N PHE B 99 12.48 -10.40 8.09
CA PHE B 99 11.39 -9.55 8.57
C PHE B 99 10.95 -9.99 9.95
N GLU B 100 10.75 -9.02 10.83
CA GLU B 100 10.27 -9.29 12.18
C GLU B 100 9.01 -8.47 12.27
N THR B 101 7.88 -9.15 12.27
CA THR B 101 6.61 -8.45 12.31
C THR B 101 5.82 -8.72 13.57
N LYS B 102 4.93 -7.78 13.86
CA LYS B 102 4.08 -7.89 15.02
C LYS B 102 2.86 -6.99 14.79
N VAL B 103 1.69 -7.49 15.17
CA VAL B 103 0.47 -6.71 15.02
C VAL B 103 -0.02 -6.40 16.43
N VAL B 104 -0.26 -5.12 16.71
CA VAL B 104 -0.75 -4.72 18.01
C VAL B 104 -2.07 -3.96 17.86
N ALA B 105 -2.91 -4.02 18.89
CA ALA B 105 -4.20 -3.34 18.83
C ALA B 105 -4.05 -1.82 18.96
N GLY B 106 -4.84 -1.08 18.19
CA GLY B 106 -4.79 0.37 18.24
C GLY B 106 -5.79 0.90 19.26
N SER B 107 -5.62 2.15 19.68
CA SER B 107 -6.51 2.75 20.66
C SER B 107 -7.91 3.03 20.09
N GLY B 108 -7.98 3.34 18.80
CA GLY B 108 -9.27 3.63 18.19
C GLY B 108 -10.00 2.43 17.63
N GLY B 109 -9.60 1.24 18.06
CA GLY B 109 -10.24 0.02 17.60
C GLY B 109 -9.49 -0.67 16.47
N GLY B 110 -8.71 0.08 15.72
CA GLY B 110 -7.98 -0.50 14.62
C GLY B 110 -6.81 -1.32 15.11
N SER B 111 -5.73 -1.30 14.34
CA SER B 111 -4.52 -2.03 14.70
C SER B 111 -3.30 -1.35 14.13
N ILE B 112 -2.13 -1.73 14.63
CA ILE B 112 -0.88 -1.17 14.16
C ILE B 112 0.02 -2.33 13.77
N SER B 113 0.51 -2.31 12.55
CA SER B 113 1.39 -3.38 12.07
C SER B 113 2.82 -2.87 12.17
N LYS B 114 3.60 -3.50 13.04
CA LYS B 114 4.98 -3.11 13.23
C LYS B 114 5.87 -4.08 12.49
N VAL B 115 6.78 -3.53 11.70
CA VAL B 115 7.69 -4.34 10.92
C VAL B 115 9.11 -3.84 11.01
N THR B 116 10.02 -4.78 11.20
CA THR B 116 11.43 -4.45 11.25
C THR B 116 12.14 -5.31 10.23
N LEU B 117 12.74 -4.65 9.23
CA LEU B 117 13.48 -5.34 8.18
C LEU B 117 14.96 -5.32 8.54
N LYS B 118 15.62 -6.45 8.37
CA LYS B 118 17.06 -6.55 8.63
C LYS B 118 17.71 -7.02 7.34
N PHE B 119 18.47 -6.12 6.72
CA PHE B 119 19.14 -6.42 5.47
C PHE B 119 20.51 -7.02 5.79
N HIS B 120 20.75 -8.25 5.35
CA HIS B 120 22.03 -8.90 5.59
C HIS B 120 22.86 -8.79 4.31
N THR B 121 24.08 -8.29 4.44
CA THR B 121 24.93 -8.11 3.28
C THR B 121 26.17 -8.97 3.22
N LYS B 122 26.75 -9.03 2.02
CA LYS B 122 27.96 -9.79 1.77
C LYS B 122 29.03 -9.40 2.78
N GLY B 123 29.70 -8.27 2.51
CA GLY B 123 30.74 -7.81 3.41
C GLY B 123 30.34 -6.62 4.24
N ASP B 124 31.07 -5.52 4.07
CA ASP B 124 30.81 -4.30 4.82
C ASP B 124 30.41 -3.15 3.90
N ALA B 125 30.07 -3.48 2.67
CA ALA B 125 29.66 -2.47 1.70
C ALA B 125 28.34 -1.88 2.17
N PRO B 126 28.19 -0.56 2.07
CA PRO B 126 26.94 0.07 2.51
C PRO B 126 25.71 -0.33 1.67
N LEU B 127 24.54 -0.29 2.30
CA LEU B 127 23.28 -0.63 1.62
C LEU B 127 22.76 0.55 0.81
N SER B 128 22.55 0.34 -0.48
CA SER B 128 22.03 1.41 -1.31
C SER B 128 20.61 1.75 -0.88
N ASP B 129 20.27 3.02 -0.91
CA ASP B 129 18.94 3.45 -0.53
C ASP B 129 17.93 2.86 -1.52
N ALA B 130 18.42 2.56 -2.72
CA ALA B 130 17.58 1.99 -3.77
C ALA B 130 17.09 0.60 -3.38
N VAL B 131 18.01 -0.29 -3.01
CA VAL B 131 17.63 -1.64 -2.60
C VAL B 131 16.81 -1.55 -1.32
N ARG B 132 17.18 -0.61 -0.46
CA ARG B 132 16.48 -0.42 0.78
C ARG B 132 15.02 -0.03 0.55
N ASP B 133 14.81 0.98 -0.29
CA ASP B 133 13.47 1.48 -0.57
C ASP B 133 12.54 0.55 -1.37
N ASP B 134 13.09 -0.24 -2.29
CA ASP B 134 12.25 -1.16 -3.08
C ASP B 134 11.76 -2.28 -2.18
N ALA B 135 12.64 -2.78 -1.30
CA ALA B 135 12.28 -3.82 -0.36
C ALA B 135 11.16 -3.32 0.56
N LEU B 136 11.27 -2.07 0.98
CA LEU B 136 10.27 -1.47 1.87
C LEU B 136 8.95 -1.27 1.14
N ALA B 137 9.03 -0.79 -0.10
CA ALA B 137 7.84 -0.54 -0.90
C ALA B 137 7.11 -1.84 -1.22
N LYS B 138 7.87 -2.88 -1.56
CA LYS B 138 7.26 -4.17 -1.87
C LYS B 138 6.58 -4.73 -0.62
N GLY B 139 7.21 -4.50 0.54
CA GLY B 139 6.64 -4.97 1.78
C GLY B 139 5.34 -4.25 2.06
N ALA B 140 5.36 -2.93 1.89
CA ALA B 140 4.20 -2.08 2.10
C ALA B 140 3.13 -2.36 1.07
N GLY B 141 3.55 -2.73 -0.14
CA GLY B 141 2.59 -3.04 -1.19
C GLY B 141 1.84 -4.31 -0.85
N PHE B 142 2.60 -5.33 -0.44
CA PHE B 142 2.01 -6.61 -0.06
C PHE B 142 1.01 -6.38 1.08
N PHE B 143 1.42 -5.59 2.06
CA PHE B 143 0.57 -5.28 3.22
C PHE B 143 -0.75 -4.70 2.77
N LYS B 144 -0.67 -3.63 1.99
CA LYS B 144 -1.87 -2.96 1.50
C LYS B 144 -2.75 -3.90 0.71
N ALA B 145 -2.15 -4.82 -0.04
CA ALA B 145 -2.92 -5.79 -0.83
C ALA B 145 -3.68 -6.73 0.12
N ILE B 146 -2.97 -7.31 1.07
CA ILE B 146 -3.60 -8.23 2.02
C ILE B 146 -4.71 -7.50 2.78
N GLU B 147 -4.41 -6.28 3.25
CA GLU B 147 -5.38 -5.49 3.99
C GLU B 147 -6.61 -5.20 3.12
N GLY B 148 -6.36 -4.79 1.88
CA GLY B 148 -7.47 -4.49 0.98
C GLY B 148 -8.38 -5.69 0.93
N TYR B 149 -7.79 -6.87 0.82
CA TYR B 149 -8.53 -8.12 0.77
C TYR B 149 -9.44 -8.30 1.98
N VAL B 150 -8.87 -8.14 3.17
CA VAL B 150 -9.64 -8.31 4.40
C VAL B 150 -10.85 -7.40 4.48
N LEU B 151 -10.71 -6.17 4.01
CA LEU B 151 -11.79 -5.21 4.06
C LEU B 151 -12.95 -5.61 3.15
N ALA B 152 -12.62 -6.18 1.99
CA ALA B 152 -13.63 -6.60 1.01
C ALA B 152 -14.15 -8.02 1.20
N ASN B 153 -13.57 -8.78 2.12
CA ASN B 153 -13.99 -10.15 2.34
C ASN B 153 -14.02 -10.46 3.83
N PRO B 154 -15.02 -9.93 4.54
CA PRO B 154 -15.18 -10.12 5.99
C PRO B 154 -15.54 -11.54 6.44
N ALA B 155 -16.32 -12.25 5.63
CA ALA B 155 -16.76 -13.60 5.97
C ALA B 155 -15.64 -14.48 6.47
N GLU B 156 -14.44 -14.24 5.96
CA GLU B 156 -13.27 -15.03 6.33
C GLU B 156 -12.59 -14.61 7.63
N TYR B 157 -12.80 -13.37 8.05
CA TYR B 157 -12.19 -12.85 9.27
C TYR B 157 -13.23 -12.31 10.25
#